data_5D13
#
_entry.id   5D13
#
_cell.length_a   84.940
_cell.length_b   84.940
_cell.length_c   210.192
_cell.angle_alpha   90.000
_cell.angle_beta   90.000
_cell.angle_gamma   120.000
#
_symmetry.space_group_name_H-M   'H 3'
#
loop_
_entity.id
_entity.type
_entity.pdbx_description
1 polymer 'Disks large homolog 4'
2 polymer 'CFMOC-KKETEV peptide'
3 water water
#
loop_
_entity_poly.entity_id
_entity_poly.type
_entity_poly.pdbx_seq_one_letter_code
_entity_poly.pdbx_strand_id
1 'polypeptide(L)'
;GSPEFLGEEDIPREPRRIVIHRGSTGLGFNIVGGEDGEGIFISFILAGGPADLSGELRKGDQILSVNGVDLRNASHEQAA
IALKNAGQTVTIIAQYKPEEYSRFEANSRVDSSGRIVTD
;
A,B,C,D
2 'polypeptide(L)' (56J)KKETEV G,E,H,F,I
#
loop_
_chem_comp.id
_chem_comp.type
_chem_comp.name
_chem_comp.formula
56J non-polymer 3-(9H-fluoren-9-yl)propanal 'C16 H14 O2'
#
# COMPACT_ATOMS: atom_id res chain seq x y z
N ILE A 11 27.70 33.71 10.31
CA ILE A 11 26.53 33.51 9.45
C ILE A 11 25.38 34.43 9.86
N PRO A 12 24.67 35.03 8.88
CA PRO A 12 23.53 35.89 9.21
C PRO A 12 22.43 35.10 9.89
N ARG A 13 21.82 35.68 10.91
CA ARG A 13 20.79 35.01 11.70
C ARG A 13 19.36 35.39 11.34
N GLU A 14 19.17 36.49 10.61
CA GLU A 14 17.83 36.82 10.14
C GLU A 14 17.47 35.89 9.00
N PRO A 15 16.17 35.75 8.72
CA PRO A 15 15.74 34.95 7.58
C PRO A 15 16.41 35.38 6.28
N ARG A 16 16.61 34.41 5.40
CA ARG A 16 17.40 34.56 4.19
C ARG A 16 16.59 33.98 3.07
N ARG A 17 16.65 34.60 1.91
CA ARG A 17 15.96 34.04 0.75
C ARG A 17 16.99 33.34 -0.13
N ILE A 18 16.77 32.06 -0.40
CA ILE A 18 17.69 31.26 -1.19
C ILE A 18 16.98 30.58 -2.36
N VAL A 19 17.50 30.78 -3.58
CA VAL A 19 16.97 30.13 -4.77
C VAL A 19 17.90 29.01 -5.21
N ILE A 20 17.36 27.80 -5.30
CA ILE A 20 18.12 26.64 -5.77
C ILE A 20 17.49 26.08 -7.02
N HIS A 21 18.35 25.69 -7.94
CA HIS A 21 17.93 25.08 -9.19
C HIS A 21 18.23 23.59 -9.07
N ARG A 22 17.20 22.80 -9.26
CA ARG A 22 17.23 21.40 -8.87
C ARG A 22 17.92 20.52 -9.93
N GLY A 23 18.93 19.78 -9.49
CA GLY A 23 19.51 18.72 -10.29
C GLY A 23 18.58 17.53 -10.24
N SER A 24 18.53 16.75 -11.31
CA SER A 24 17.54 15.68 -11.47
C SER A 24 17.41 14.85 -10.19
N THR A 25 18.54 14.63 -9.53
CA THR A 25 18.59 13.83 -8.31
C THR A 25 17.80 14.43 -7.15
N GLY A 26 17.82 15.76 -7.02
CA GLY A 26 17.24 16.39 -5.85
C GLY A 26 17.92 17.68 -5.45
N LEU A 27 17.43 18.29 -4.37
CA LEU A 27 18.07 19.51 -3.88
C LEU A 27 19.39 19.22 -3.17
N GLY A 28 19.57 17.99 -2.71
CA GLY A 28 20.83 17.55 -2.14
C GLY A 28 21.05 17.88 -0.68
N PHE A 29 20.00 17.75 0.14
CA PHE A 29 20.11 17.82 1.60
C PHE A 29 18.98 17.06 2.26
N ASN A 30 19.19 16.82 3.55
CA ASN A 30 18.28 16.11 4.44
C ASN A 30 17.63 17.05 5.45
N ILE A 31 16.40 16.69 5.85
CA ILE A 31 15.69 17.41 6.88
C ILE A 31 15.31 16.49 7.98
N VAL A 32 15.34 17.03 9.19
CA VAL A 32 14.76 16.43 10.36
C VAL A 32 13.78 17.46 10.91
N GLY A 33 13.04 17.08 11.94
CA GLY A 33 12.12 17.98 12.60
C GLY A 33 10.69 17.76 12.15
N GLY A 34 9.80 18.72 12.41
CA GLY A 34 8.40 18.58 12.03
C GLY A 34 7.67 17.58 12.91
N GLU A 35 8.12 17.46 14.15
CA GLU A 35 7.51 16.57 15.13
C GLU A 35 7.36 17.30 16.45
N ASP A 36 6.26 17.06 17.14
CA ASP A 36 6.06 17.62 18.47
C ASP A 36 6.23 19.14 18.43
N GLY A 37 5.70 19.77 17.39
CA GLY A 37 5.71 21.21 17.26
C GLY A 37 7.06 21.82 16.92
N GLU A 38 8.07 20.97 16.76
CA GLU A 38 9.39 21.42 16.33
C GLU A 38 9.38 21.80 14.84
N GLY A 39 10.26 22.72 14.45
CA GLY A 39 10.34 23.15 13.06
C GLY A 39 11.10 22.18 12.16
N ILE A 40 11.33 22.59 10.91
CA ILE A 40 12.01 21.76 9.91
C ILE A 40 13.43 22.29 9.73
N PHE A 41 14.41 21.42 10.00
CA PHE A 41 15.85 21.76 9.96
C PHE A 41 16.66 20.95 8.97
N ILE A 42 17.70 21.56 8.42
CA ILE A 42 18.63 20.84 7.57
C ILE A 42 19.66 20.06 8.38
N SER A 43 19.66 18.74 8.20
CA SER A 43 20.52 17.85 8.98
C SER A 43 21.78 17.43 8.25
N PHE A 44 21.81 17.56 6.94
CA PHE A 44 22.95 17.07 6.17
C PHE A 44 22.91 17.74 4.82
N ILE A 45 24.07 18.15 4.33
CA ILE A 45 24.20 18.72 3.01
C ILE A 45 25.08 17.82 2.16
N LEU A 46 24.47 17.25 1.13
CA LEU A 46 25.16 16.35 0.22
C LEU A 46 26.25 17.07 -0.59
N ALA A 47 27.51 16.68 -0.40
CA ALA A 47 28.61 17.23 -1.17
C ALA A 47 28.38 17.04 -2.66
N GLY A 48 28.57 18.13 -3.40
CA GLY A 48 28.40 18.11 -4.85
C GLY A 48 26.98 18.40 -5.30
N GLY A 49 26.04 18.45 -4.37
CA GLY A 49 24.66 18.69 -4.74
C GLY A 49 24.37 20.17 -4.93
N PRO A 50 23.18 20.49 -5.43
CA PRO A 50 22.73 21.87 -5.63
C PRO A 50 22.83 22.76 -4.36
N ALA A 51 22.30 22.27 -3.25
CA ALA A 51 22.44 22.99 -1.99
C ALA A 51 23.93 23.28 -1.71
N ASP A 52 24.77 22.27 -1.85
CA ASP A 52 26.19 22.45 -1.57
C ASP A 52 26.86 23.49 -2.49
N LEU A 53 26.52 23.50 -3.78
CA LEU A 53 27.15 24.44 -4.71
C LEU A 53 26.60 25.87 -4.61
N SER A 54 25.34 26.03 -4.24
CA SER A 54 24.78 27.35 -4.00
C SER A 54 25.60 27.99 -2.88
N GLY A 55 25.95 27.17 -1.89
CA GLY A 55 26.85 27.59 -0.83
C GLY A 55 26.15 28.41 0.23
N GLU A 56 24.83 28.35 0.25
CA GLU A 56 24.05 29.21 1.14
C GLU A 56 23.41 28.46 2.31
N LEU A 57 22.94 27.24 2.07
CA LEU A 57 22.27 26.48 3.11
C LEU A 57 23.31 25.82 4.03
N ARG A 58 22.96 25.62 5.30
CA ARG A 58 23.86 24.99 6.27
C ARG A 58 23.12 24.01 7.17
N LYS A 59 23.83 23.00 7.65
CA LYS A 59 23.38 22.22 8.79
C LYS A 59 22.96 23.18 9.89
N GLY A 60 21.83 22.91 10.52
CA GLY A 60 21.32 23.81 11.54
C GLY A 60 20.33 24.85 11.00
N ASP A 61 20.25 25.04 9.68
CA ASP A 61 19.25 25.96 9.12
C ASP A 61 17.84 25.43 9.35
N GLN A 62 16.94 26.29 9.80
CA GLN A 62 15.52 25.95 9.80
C GLN A 62 14.90 26.43 8.50
N ILE A 63 14.01 25.63 7.93
CA ILE A 63 13.34 26.04 6.67
C ILE A 63 11.97 26.60 7.03
N LEU A 64 11.83 27.89 6.78
CA LEU A 64 10.64 28.60 7.20
C LEU A 64 9.56 28.47 6.12
N SER A 65 9.95 28.51 4.84
CA SER A 65 8.99 28.31 3.76
C SER A 65 9.64 27.85 2.45
N VAL A 66 8.88 27.11 1.64
CA VAL A 66 9.33 26.68 0.31
C VAL A 66 8.29 27.12 -0.71
N ASN A 67 8.71 27.96 -1.65
CA ASN A 67 7.82 28.60 -2.62
C ASN A 67 6.63 29.26 -1.94
N GLY A 68 6.92 29.98 -0.87
CA GLY A 68 5.91 30.74 -0.14
C GLY A 68 4.99 29.89 0.71
N VAL A 69 5.20 28.57 0.70
CA VAL A 69 4.39 27.69 1.53
C VAL A 69 4.97 27.65 2.92
N ASP A 70 4.23 28.18 3.89
CA ASP A 70 4.73 28.32 5.25
C ASP A 70 4.95 26.93 5.86
N LEU A 71 6.17 26.68 6.31
CA LEU A 71 6.48 25.44 6.99
C LEU A 71 6.81 25.65 8.47
N ARG A 72 6.58 26.84 9.00
CA ARG A 72 6.91 27.09 10.41
C ARG A 72 6.17 26.14 11.36
N ASN A 73 4.98 25.71 10.94
CA ASN A 73 4.09 24.91 11.77
C ASN A 73 3.81 23.56 11.10
N ALA A 74 4.70 23.18 10.19
CA ALA A 74 4.51 21.97 9.39
C ALA A 74 4.90 20.69 10.10
N SER A 75 4.23 19.60 9.76
CA SER A 75 4.72 18.28 10.12
C SER A 75 5.88 17.88 9.17
N HIS A 76 6.63 16.84 9.53
CA HIS A 76 7.74 16.34 8.72
C HIS A 76 7.30 15.94 7.32
N GLU A 77 6.21 15.17 7.27
CA GLU A 77 5.67 14.66 6.02
C GLU A 77 5.20 15.81 5.12
N GLN A 78 4.60 16.83 5.74
CA GLN A 78 4.10 17.98 4.98
C GLN A 78 5.28 18.72 4.37
N ALA A 79 6.35 18.88 5.14
CA ALA A 79 7.56 19.54 4.66
C ALA A 79 8.23 18.75 3.53
N ALA A 80 8.25 17.43 3.68
CA ALA A 80 8.85 16.55 2.69
C ALA A 80 8.06 16.64 1.38
N ILE A 81 6.76 16.57 1.48
CA ILE A 81 5.94 16.65 0.28
C ILE A 81 6.17 18.03 -0.38
N ALA A 82 6.21 19.10 0.40
CA ALA A 82 6.44 20.43 -0.19
C ALA A 82 7.77 20.54 -0.92
N LEU A 83 8.83 20.00 -0.33
CA LEU A 83 10.16 20.14 -0.90
C LEU A 83 10.32 19.29 -2.15
N LYS A 84 9.76 18.09 -2.14
CA LYS A 84 9.88 17.18 -3.27
C LYS A 84 9.07 17.66 -4.46
N ASN A 85 8.01 18.41 -4.19
CA ASN A 85 7.09 18.82 -5.24
C ASN A 85 7.20 20.29 -5.61
N ALA A 86 8.28 20.93 -5.17
CA ALA A 86 8.46 22.38 -5.36
C ALA A 86 8.96 22.73 -6.76
N GLY A 87 9.19 21.73 -7.60
CA GLY A 87 9.62 21.95 -8.98
C GLY A 87 11.11 22.20 -9.14
N GLN A 88 11.51 22.66 -10.33
CA GLN A 88 12.92 22.81 -10.73
C GLN A 88 13.60 24.04 -10.14
N THR A 89 12.81 25.08 -9.87
CA THR A 89 13.32 26.32 -9.27
C THR A 89 12.69 26.51 -7.89
N VAL A 90 13.50 26.35 -6.86
CA VAL A 90 13.02 26.28 -5.50
C VAL A 90 13.51 27.47 -4.73
N THR A 91 12.56 28.28 -4.27
CA THR A 91 12.84 29.44 -3.46
C THR A 91 12.57 29.11 -1.99
N ILE A 92 13.63 29.15 -1.20
CA ILE A 92 13.56 28.78 0.20
C ILE A 92 13.75 29.99 1.12
N ILE A 93 12.94 30.08 2.16
CA ILE A 93 13.22 31.03 3.23
C ILE A 93 13.76 30.22 4.35
N ALA A 94 15.00 30.56 4.75
CA ALA A 94 15.71 29.82 5.78
C ALA A 94 16.26 30.75 6.85
N GLN A 95 16.34 30.24 8.08
CA GLN A 95 16.94 30.97 9.19
C GLN A 95 17.91 30.08 9.96
N TYR A 96 19.14 30.56 10.15
CA TYR A 96 20.19 29.78 10.81
C TYR A 96 19.99 29.77 12.33
N LYS A 97 19.66 28.59 12.88
CA LYS A 97 19.41 28.39 14.30
C LYS A 97 20.29 27.27 14.88
N PRO A 98 21.61 27.50 14.96
CA PRO A 98 22.53 26.50 15.50
C PRO A 98 22.23 26.07 16.95
N GLU A 99 21.81 27.01 17.79
CA GLU A 99 21.55 26.72 19.21
C GLU A 99 20.40 25.74 19.36
N GLU A 100 19.36 25.96 18.55
CA GLU A 100 18.20 25.09 18.60
C GLU A 100 18.51 23.72 18.05
N TYR A 101 19.19 23.71 16.92
CA TYR A 101 19.60 22.45 16.33
C TYR A 101 20.48 21.68 17.34
N SER A 102 21.46 22.37 17.91
CA SER A 102 22.37 21.72 18.86
C SER A 102 21.58 21.12 20.01
N ARG A 103 20.54 21.84 20.44
CA ARG A 103 19.70 21.43 21.56
C ARG A 103 19.12 20.05 21.28
N PHE A 104 18.67 19.84 20.04
CA PHE A 104 18.13 18.55 19.63
C PHE A 104 19.21 17.49 19.49
N GLU A 105 20.24 17.82 18.70
CA GLU A 105 21.37 16.93 18.47
C GLU A 105 21.95 16.44 19.81
N ALA A 106 22.23 17.34 20.76
CA ALA A 106 22.72 16.91 22.08
C ALA A 106 21.72 15.99 22.73
N ASN A 107 20.44 16.34 22.60
CA ASN A 107 19.35 15.57 23.16
C ASN A 107 19.34 14.15 22.59
N SER A 108 19.54 14.04 21.27
CA SER A 108 19.52 12.75 20.61
C SER A 108 20.68 11.85 21.02
N ARG A 109 21.81 12.43 21.41
CA ARG A 109 22.96 11.62 21.80
C ARG A 109 22.67 10.90 23.11
N VAL A 110 21.65 11.37 23.83
CA VAL A 110 21.11 10.69 25.01
C VAL A 110 22.00 10.90 26.22
N ILE B 11 -5.71 29.23 -17.29
CA ILE B 11 -5.09 27.91 -17.38
C ILE B 11 -5.16 27.36 -18.81
N PRO B 12 -4.07 26.73 -19.30
CA PRO B 12 -4.04 26.18 -20.65
C PRO B 12 -5.03 25.04 -20.87
N ARG B 13 -5.62 24.99 -22.05
CA ARG B 13 -6.62 23.96 -22.38
C ARG B 13 -6.05 22.79 -23.18
N GLU B 14 -4.86 22.96 -23.74
CA GLU B 14 -4.16 21.87 -24.42
C GLU B 14 -3.57 20.90 -23.39
N PRO B 15 -3.28 19.66 -23.82
CA PRO B 15 -2.66 18.73 -22.86
C PRO B 15 -1.36 19.27 -22.27
N ARG B 16 -1.14 18.91 -21.01
CA ARG B 16 -0.04 19.39 -20.18
C ARG B 16 0.64 18.21 -19.53
N ARG B 17 1.95 18.29 -19.41
CA ARG B 17 2.71 17.27 -18.73
C ARG B 17 3.05 17.70 -17.30
N ILE B 18 2.60 16.92 -16.34
CA ILE B 18 2.77 17.24 -14.93
C ILE B 18 3.45 16.06 -14.19
N VAL B 19 4.53 16.34 -13.49
CA VAL B 19 5.23 15.31 -12.70
C VAL B 19 4.95 15.47 -11.20
N ILE B 20 4.47 14.39 -10.59
CA ILE B 20 4.17 14.31 -9.17
C ILE B 20 5.10 13.31 -8.45
N HIS B 21 5.56 13.70 -7.27
CA HIS B 21 6.34 12.85 -6.38
C HIS B 21 5.51 12.48 -5.19
N ARG B 22 5.23 11.18 -5.09
CA ARG B 22 4.31 10.66 -4.11
C ARG B 22 4.85 10.82 -2.71
N GLY B 23 3.99 11.21 -1.78
CA GLY B 23 4.31 11.22 -0.36
C GLY B 23 3.70 9.96 0.23
N SER B 24 4.09 9.63 1.46
CA SER B 24 3.64 8.38 2.09
C SER B 24 2.15 8.11 1.87
N THR B 25 1.33 9.16 1.91
CA THR B 25 -0.12 9.01 1.87
C THR B 25 -0.72 8.71 0.49
N GLY B 26 -0.06 9.14 -0.59
CA GLY B 26 -0.72 9.13 -1.88
C GLY B 26 -0.27 10.28 -2.76
N LEU B 27 -0.89 10.35 -3.94
CA LEU B 27 -0.68 11.46 -4.88
C LEU B 27 -1.47 12.71 -4.44
N GLY B 28 -2.49 12.52 -3.63
CA GLY B 28 -3.23 13.62 -3.02
C GLY B 28 -4.35 14.23 -3.86
N PHE B 29 -5.07 13.39 -4.58
CA PHE B 29 -6.29 13.86 -5.25
C PHE B 29 -7.22 12.69 -5.42
N ASN B 30 -8.49 13.02 -5.70
CA ASN B 30 -9.53 12.04 -5.97
C ASN B 30 -9.89 12.02 -7.44
N ILE B 31 -10.34 10.89 -7.96
CA ILE B 31 -10.80 10.80 -9.33
C ILE B 31 -12.21 10.36 -9.34
N VAL B 32 -12.94 10.85 -10.34
CA VAL B 32 -14.26 10.41 -10.71
C VAL B 32 -14.29 10.08 -12.22
N GLY B 33 -15.37 9.46 -12.68
CA GLY B 33 -15.56 9.15 -14.10
C GLY B 33 -15.17 7.73 -14.44
N GLY B 34 -14.96 7.48 -15.73
CA GLY B 34 -14.56 6.15 -16.18
C GLY B 34 -15.74 5.24 -16.06
N GLU B 35 -16.92 5.82 -16.25
CA GLU B 35 -18.19 5.10 -16.24
C GLU B 35 -18.92 5.58 -17.48
N ASP B 36 -19.63 4.69 -18.17
CA ASP B 36 -20.42 5.09 -19.33
C ASP B 36 -19.61 5.87 -20.37
N GLY B 37 -18.39 5.43 -20.65
CA GLY B 37 -17.60 6.07 -21.70
C GLY B 37 -17.09 7.46 -21.36
N GLU B 38 -17.41 7.94 -20.18
CA GLU B 38 -16.81 9.17 -19.70
C GLU B 38 -15.34 8.92 -19.27
N GLY B 39 -14.49 9.92 -19.44
CA GLY B 39 -13.09 9.86 -19.09
C GLY B 39 -12.86 10.02 -17.59
N ILE B 40 -11.59 10.14 -17.22
CA ILE B 40 -11.16 10.22 -15.81
C ILE B 40 -10.81 11.64 -15.44
N PHE B 41 -11.56 12.16 -14.48
CA PHE B 41 -11.43 13.52 -13.96
C PHE B 41 -11.12 13.57 -12.43
N ILE B 42 -10.37 14.62 -12.13
CA ILE B 42 -10.00 15.02 -10.82
C ILE B 42 -11.17 15.76 -10.21
N SER B 43 -11.67 15.17 -9.15
CA SER B 43 -12.80 15.78 -8.39
C SER B 43 -12.31 16.57 -7.16
N PHE B 44 -11.10 16.30 -6.71
CA PHE B 44 -10.65 16.90 -5.47
C PHE B 44 -9.14 16.91 -5.27
N ILE B 45 -8.62 18.02 -4.76
CA ILE B 45 -7.22 18.15 -4.46
C ILE B 45 -7.01 18.39 -2.97
N LEU B 46 -6.33 17.41 -2.39
CA LEU B 46 -6.00 17.41 -0.97
C LEU B 46 -5.03 18.56 -0.68
N ALA B 47 -5.49 19.53 0.10
CA ALA B 47 -4.66 20.63 0.52
C ALA B 47 -3.45 20.06 1.26
N GLY B 48 -2.28 20.59 0.92
CA GLY B 48 -1.02 20.14 1.50
C GLY B 48 -0.41 18.93 0.80
N GLY B 49 -1.14 18.27 -0.10
CA GLY B 49 -0.66 17.07 -0.76
C GLY B 49 0.23 17.28 -1.97
N PRO B 50 0.82 16.20 -2.49
CA PRO B 50 1.70 16.31 -3.67
C PRO B 50 1.02 17.06 -4.84
N ALA B 51 -0.18 16.65 -5.20
CA ALA B 51 -0.92 17.36 -6.25
C ALA B 51 -1.07 18.86 -5.93
N ASP B 52 -1.44 19.19 -4.71
CA ASP B 52 -1.63 20.59 -4.34
C ASP B 52 -0.35 21.40 -4.42
N LEU B 53 0.74 20.82 -3.94
CA LEU B 53 2.01 21.52 -3.85
C LEU B 53 2.72 21.64 -5.20
N SER B 54 2.48 20.67 -6.08
CA SER B 54 2.98 20.77 -7.44
C SER B 54 2.34 22.01 -8.06
N GLY B 55 1.05 22.17 -7.80
CA GLY B 55 0.33 23.39 -8.16
C GLY B 55 -0.13 23.43 -9.61
N GLU B 56 -0.15 22.29 -10.28
CA GLU B 56 -0.47 22.26 -11.70
C GLU B 56 -1.86 21.66 -11.96
N LEU B 57 -2.24 20.64 -11.19
CA LEU B 57 -3.49 19.92 -11.41
C LEU B 57 -4.68 20.69 -10.83
N ARG B 58 -5.85 20.53 -11.43
CA ARG B 58 -7.07 21.22 -10.98
C ARG B 58 -8.24 20.25 -11.02
N LYS B 59 -9.20 20.48 -10.13
CA LYS B 59 -10.52 19.94 -10.27
C LYS B 59 -10.93 20.19 -11.69
N GLY B 60 -11.58 19.24 -12.32
CA GLY B 60 -11.95 19.44 -13.70
C GLY B 60 -10.87 19.00 -14.67
N ASP B 61 -9.64 18.75 -14.20
CA ASP B 61 -8.64 18.18 -15.10
C ASP B 61 -9.06 16.79 -15.48
N GLN B 62 -8.97 16.46 -16.76
CA GLN B 62 -9.12 15.09 -17.19
C GLN B 62 -7.74 14.47 -17.21
N ILE B 63 -7.63 13.26 -16.70
CA ILE B 63 -6.31 12.62 -16.70
C ILE B 63 -6.24 11.79 -17.97
N LEU B 64 -5.34 12.18 -18.86
CA LEU B 64 -5.24 11.50 -20.18
C LEU B 64 -4.29 10.28 -20.11
N SER B 65 -3.19 10.38 -19.37
CA SER B 65 -2.32 9.23 -19.15
C SER B 65 -1.49 9.35 -17.87
N VAL B 66 -1.11 8.22 -17.28
CA VAL B 66 -0.19 8.18 -16.15
C VAL B 66 0.97 7.22 -16.47
N ASN B 67 2.19 7.76 -16.53
CA ASN B 67 3.40 7.04 -16.89
C ASN B 67 3.22 6.25 -18.18
N GLY B 68 2.66 6.87 -19.21
CA GLY B 68 2.50 6.20 -20.48
C GLY B 68 1.35 5.21 -20.49
N VAL B 69 0.62 5.11 -19.39
CA VAL B 69 -0.60 4.32 -19.38
C VAL B 69 -1.76 5.22 -19.79
N ASP B 70 -2.31 4.92 -20.95
CA ASP B 70 -3.41 5.71 -21.56
C ASP B 70 -4.71 5.57 -20.75
N LEU B 71 -5.26 6.66 -20.23
CA LEU B 71 -6.52 6.55 -19.50
C LEU B 71 -7.70 7.22 -20.21
N ARG B 72 -7.51 7.64 -21.46
CA ARG B 72 -8.60 8.32 -22.15
C ARG B 72 -9.84 7.46 -22.18
N ASN B 73 -9.68 6.13 -22.19
CA ASN B 73 -10.83 5.23 -22.29
C ASN B 73 -10.92 4.18 -21.19
N ALA B 74 -10.22 4.44 -20.10
CA ALA B 74 -10.15 3.47 -19.02
C ALA B 74 -11.42 3.46 -18.19
N SER B 75 -11.75 2.32 -17.61
CA SER B 75 -12.82 2.29 -16.61
C SER B 75 -12.32 2.95 -15.30
N HIS B 76 -13.24 3.22 -14.36
CA HIS B 76 -12.87 3.83 -13.10
C HIS B 76 -11.86 2.96 -12.40
N GLU B 77 -12.14 1.67 -12.29
CA GLU B 77 -11.25 0.76 -11.61
C GLU B 77 -9.90 0.69 -12.30
N GLN B 78 -9.88 0.65 -13.63
CA GLN B 78 -8.61 0.58 -14.37
C GLN B 78 -7.79 1.83 -14.15
N ALA B 79 -8.45 2.99 -14.12
CA ALA B 79 -7.73 4.24 -13.84
C ALA B 79 -7.17 4.27 -12.38
N ALA B 80 -7.93 3.78 -11.41
CA ALA B 80 -7.47 3.75 -10.02
C ALA B 80 -6.24 2.87 -9.84
N ILE B 81 -6.29 1.65 -10.39
CA ILE B 81 -5.15 0.73 -10.32
C ILE B 81 -3.93 1.30 -11.03
N ALA B 82 -4.10 1.94 -12.19
CA ALA B 82 -2.96 2.54 -12.87
C ALA B 82 -2.30 3.60 -12.02
N LEU B 83 -3.11 4.43 -11.37
CA LEU B 83 -2.56 5.48 -10.55
C LEU B 83 -1.94 4.93 -9.29
N LYS B 84 -2.59 3.97 -8.64
CA LYS B 84 -2.11 3.46 -7.39
C LYS B 84 -0.84 2.67 -7.58
N ASN B 85 -0.63 2.08 -8.76
CA ASN B 85 0.56 1.24 -8.96
C ASN B 85 1.65 1.97 -9.73
N ALA B 86 1.51 3.28 -9.86
CA ALA B 86 2.38 4.06 -10.76
C ALA B 86 3.73 4.40 -10.12
N GLY B 87 3.93 3.94 -8.90
CA GLY B 87 5.21 4.15 -8.24
C GLY B 87 5.38 5.53 -7.62
N GLN B 88 6.63 5.86 -7.31
CA GLN B 88 6.97 7.07 -6.54
C GLN B 88 7.00 8.36 -7.37
N THR B 89 7.37 8.24 -8.64
CA THR B 89 7.46 9.39 -9.53
C THR B 89 6.44 9.26 -10.66
N VAL B 90 5.44 10.11 -10.63
CA VAL B 90 4.28 9.92 -11.48
C VAL B 90 4.18 11.05 -12.49
N THR B 91 4.30 10.70 -13.76
CA THR B 91 4.17 11.66 -14.84
C THR B 91 2.73 11.60 -15.37
N ILE B 92 2.03 12.72 -15.26
CA ILE B 92 0.65 12.79 -15.69
C ILE B 92 0.52 13.70 -16.90
N ILE B 93 -0.28 13.25 -17.86
CA ILE B 93 -0.71 14.11 -18.93
C ILE B 93 -2.14 14.44 -18.62
N ALA B 94 -2.44 15.72 -18.52
CA ALA B 94 -3.76 16.15 -18.12
C ALA B 94 -4.25 17.20 -19.05
N GLN B 95 -5.58 17.28 -19.23
CA GLN B 95 -6.16 18.34 -20.04
C GLN B 95 -7.33 18.95 -19.25
N TYR B 96 -7.28 20.26 -19.09
CA TYR B 96 -8.27 20.94 -18.28
C TYR B 96 -9.60 21.10 -19.03
N LYS B 97 -10.60 20.34 -18.62
CA LYS B 97 -11.92 20.39 -19.22
C LYS B 97 -13.02 20.76 -18.18
N PRO B 98 -12.94 21.96 -17.64
CA PRO B 98 -13.91 22.40 -16.60
C PRO B 98 -15.37 22.36 -17.08
N GLU B 99 -15.62 22.67 -18.35
CA GLU B 99 -16.99 22.68 -18.83
C GLU B 99 -17.59 21.28 -18.84
N GLU B 100 -16.83 20.28 -19.27
CA GLU B 100 -17.34 18.92 -19.28
C GLU B 100 -17.55 18.41 -17.87
N TYR B 101 -16.57 18.66 -17.00
CA TYR B 101 -16.66 18.27 -15.62
C TYR B 101 -17.91 18.85 -14.99
N SER B 102 -18.08 20.14 -15.18
CA SER B 102 -19.21 20.83 -14.57
C SER B 102 -20.52 20.19 -14.91
N ARG B 103 -20.66 19.73 -16.15
CA ARG B 103 -21.91 19.17 -16.65
C ARG B 103 -22.34 18.00 -15.80
N PHE B 104 -21.37 17.20 -15.39
CA PHE B 104 -21.65 16.08 -14.49
C PHE B 104 -21.99 16.60 -13.11
N GLU B 105 -21.14 17.49 -12.58
CA GLU B 105 -21.37 18.11 -11.28
C GLU B 105 -22.77 18.72 -11.17
N ALA B 106 -23.17 19.53 -12.17
CA ALA B 106 -24.50 20.15 -12.20
C ALA B 106 -25.57 19.09 -12.12
N ASN B 107 -25.36 18.05 -12.91
CA ASN B 107 -26.25 16.91 -12.91
C ASN B 107 -26.31 16.21 -11.55
N SER B 108 -25.14 16.00 -10.94
CA SER B 108 -25.08 15.27 -9.66
C SER B 108 -25.82 16.00 -8.54
N ARG B 109 -25.93 17.33 -8.63
CA ARG B 109 -26.63 18.06 -7.57
C ARG B 109 -28.10 17.72 -7.61
N VAL B 110 -28.56 17.27 -8.77
CA VAL B 110 -29.86 16.60 -8.94
C VAL B 110 -30.80 17.45 -9.78
N ASP C 10 18.31 -4.24 -16.06
CA ASP C 10 19.03 -5.25 -15.28
C ASP C 10 18.38 -5.46 -13.91
N ILE C 11 17.51 -6.47 -13.80
CA ILE C 11 16.78 -6.69 -12.55
C ILE C 11 17.69 -7.24 -11.44
N PRO C 12 17.56 -6.72 -10.22
CA PRO C 12 18.36 -7.25 -9.10
C PRO C 12 18.02 -8.71 -8.78
N ARG C 13 19.04 -9.47 -8.42
CA ARG C 13 18.89 -10.90 -8.14
C ARG C 13 18.66 -11.17 -6.66
N GLU C 14 18.86 -10.17 -5.82
CA GLU C 14 18.54 -10.31 -4.41
C GLU C 14 17.02 -10.31 -4.26
N PRO C 15 16.51 -10.87 -3.15
CA PRO C 15 15.07 -10.77 -2.94
C PRO C 15 14.67 -9.30 -2.96
N ARG C 16 13.44 -9.04 -3.41
CA ARG C 16 12.91 -7.73 -3.78
C ARG C 16 11.58 -7.51 -3.08
N ARG C 17 11.31 -6.31 -2.59
CA ARG C 17 10.02 -6.02 -1.99
C ARG C 17 9.15 -5.32 -3.02
N ILE C 18 8.02 -5.94 -3.33
CA ILE C 18 7.10 -5.40 -4.35
C ILE C 18 5.70 -5.33 -3.79
N VAL C 19 5.12 -4.14 -3.83
CA VAL C 19 3.74 -3.95 -3.41
C VAL C 19 2.82 -3.77 -4.60
N ILE C 20 1.74 -4.56 -4.65
CA ILE C 20 0.75 -4.43 -5.72
C ILE C 20 -0.63 -4.05 -5.13
N HIS C 21 -1.28 -3.13 -5.80
CA HIS C 21 -2.64 -2.70 -5.49
C HIS C 21 -3.55 -3.27 -6.55
N ARG C 22 -4.45 -4.16 -6.13
CA ARG C 22 -5.33 -4.85 -7.04
C ARG C 22 -6.65 -4.07 -7.11
N GLY C 23 -7.53 -4.52 -7.99
CA GLY C 23 -8.86 -3.99 -8.12
C GLY C 23 -9.86 -5.02 -7.65
N SER C 24 -10.90 -5.20 -8.46
CA SER C 24 -12.01 -6.06 -8.13
C SER C 24 -11.66 -7.52 -8.35
N THR C 25 -10.64 -7.77 -9.16
CA THR C 25 -10.35 -9.12 -9.63
C THR C 25 -8.93 -9.54 -9.24
N GLY C 26 -8.18 -10.11 -10.17
CA GLY C 26 -6.89 -10.70 -9.84
C GLY C 26 -5.74 -9.71 -9.82
N LEU C 27 -4.56 -10.21 -9.47
CA LEU C 27 -3.30 -9.47 -9.51
C LEU C 27 -2.75 -9.33 -10.93
N GLY C 28 -3.23 -10.18 -11.83
CA GLY C 28 -2.86 -10.07 -13.23
C GLY C 28 -1.57 -10.83 -13.54
N PHE C 29 -1.39 -12.00 -12.94
CA PHE C 29 -0.29 -12.87 -13.35
C PHE C 29 -0.61 -14.30 -13.03
N ASN C 30 0.16 -15.21 -13.61
CA ASN C 30 -0.02 -16.64 -13.38
C ASN C 30 1.16 -17.18 -12.59
N ILE C 31 0.92 -18.23 -11.80
CA ILE C 31 1.99 -18.91 -11.10
C ILE C 31 2.05 -20.35 -11.57
N VAL C 32 3.25 -20.89 -11.63
CA VAL C 32 3.48 -22.34 -11.80
C VAL C 32 4.41 -22.80 -10.68
N GLY C 33 4.60 -24.10 -10.56
CA GLY C 33 5.49 -24.63 -9.54
C GLY C 33 4.71 -25.09 -8.34
N GLY C 34 5.36 -25.27 -7.21
CA GLY C 34 4.67 -25.79 -6.04
C GLY C 34 4.47 -27.28 -6.16
N GLU C 35 5.43 -27.92 -6.81
CA GLU C 35 5.45 -29.38 -6.96
C GLU C 35 6.86 -29.86 -6.63
N ASP C 36 6.95 -30.99 -5.94
CA ASP C 36 8.24 -31.61 -5.67
C ASP C 36 9.24 -30.69 -4.94
N GLY C 37 8.77 -29.92 -3.97
CA GLY C 37 9.63 -29.08 -3.17
C GLY C 37 10.20 -27.89 -3.93
N GLU C 38 9.88 -27.79 -5.22
CA GLU C 38 10.27 -26.62 -6.00
C GLU C 38 9.34 -25.47 -5.65
N GLY C 39 9.86 -24.26 -5.75
CA GLY C 39 9.11 -23.08 -5.38
C GLY C 39 8.09 -22.68 -6.43
N ILE C 40 7.52 -21.51 -6.21
CA ILE C 40 6.48 -20.95 -7.05
C ILE C 40 7.04 -19.82 -7.89
N PHE C 41 6.91 -19.97 -9.21
CA PHE C 41 7.40 -18.98 -10.16
C PHE C 41 6.25 -18.34 -10.95
N ILE C 42 6.48 -17.12 -11.40
CA ILE C 42 5.57 -16.42 -12.28
C ILE C 42 5.80 -16.83 -13.73
N SER C 43 4.76 -17.36 -14.35
CA SER C 43 4.83 -17.88 -15.71
C SER C 43 4.36 -16.87 -16.75
N PHE C 44 3.57 -15.90 -16.32
CA PHE C 44 2.89 -14.96 -17.24
C PHE C 44 2.39 -13.70 -16.54
N ILE C 45 2.59 -12.54 -17.16
CA ILE C 45 2.04 -11.31 -16.64
C ILE C 45 0.98 -10.77 -17.63
N LEU C 46 -0.25 -10.67 -17.14
CA LEU C 46 -1.39 -10.16 -17.91
C LEU C 46 -1.28 -8.68 -18.23
N ALA C 47 -1.30 -8.34 -19.50
CA ALA C 47 -1.30 -6.94 -19.91
C ALA C 47 -2.51 -6.19 -19.32
N GLY C 48 -2.25 -5.01 -18.75
CA GLY C 48 -3.28 -4.18 -18.18
C GLY C 48 -3.65 -4.52 -16.75
N GLY C 49 -3.17 -5.65 -16.23
CA GLY C 49 -3.52 -6.04 -14.87
C GLY C 49 -2.65 -5.29 -13.88
N PRO C 50 -2.95 -5.42 -12.58
CA PRO C 50 -2.18 -4.75 -11.52
C PRO C 50 -0.68 -5.05 -11.56
N ALA C 51 -0.30 -6.30 -11.65
CA ALA C 51 1.13 -6.67 -11.80
C ALA C 51 1.82 -5.92 -12.95
N ASP C 52 1.17 -5.91 -14.10
CA ASP C 52 1.78 -5.23 -15.26
C ASP C 52 1.88 -3.71 -15.07
N LEU C 53 0.86 -3.11 -14.45
CA LEU C 53 0.86 -1.67 -14.30
C LEU C 53 1.88 -1.26 -13.24
N SER C 54 2.11 -2.14 -12.27
CA SER C 54 3.22 -1.95 -11.33
C SER C 54 4.55 -2.02 -12.05
N GLY C 55 4.68 -3.00 -12.95
CA GLY C 55 5.85 -3.11 -13.81
C GLY C 55 7.11 -3.68 -13.17
N GLU C 56 6.97 -4.27 -11.97
CA GLU C 56 8.11 -4.73 -11.20
C GLU C 56 8.23 -6.23 -11.27
N LEU C 57 7.12 -6.95 -11.31
CA LEU C 57 7.21 -8.41 -11.37
C LEU C 57 7.50 -8.88 -12.81
N ARG C 58 8.19 -10.00 -12.92
CA ARG C 58 8.54 -10.58 -14.22
C ARG C 58 8.29 -12.04 -14.25
N LYS C 59 7.95 -12.55 -15.43
CA LYS C 59 8.12 -13.98 -15.69
C LYS C 59 9.54 -14.37 -15.30
N GLY C 60 9.67 -15.50 -14.64
CA GLY C 60 10.93 -15.98 -14.13
C GLY C 60 11.14 -15.60 -12.66
N ASP C 61 10.33 -14.67 -12.14
CA ASP C 61 10.38 -14.37 -10.70
C ASP C 61 9.91 -15.56 -9.90
N GLN C 62 10.63 -15.90 -8.85
CA GLN C 62 10.09 -16.83 -7.87
C GLN C 62 9.41 -16.01 -6.78
N ILE C 63 8.27 -16.46 -6.30
CA ILE C 63 7.57 -15.78 -5.21
C ILE C 63 7.95 -16.42 -3.87
N LEU C 64 8.58 -15.64 -2.99
CA LEU C 64 9.09 -16.12 -1.69
C LEU C 64 8.09 -15.97 -0.52
N SER C 65 7.33 -14.88 -0.54
CA SER C 65 6.30 -14.65 0.48
C SER C 65 5.20 -13.70 -0.02
N VAL C 66 4.00 -13.84 0.56
CA VAL C 66 2.89 -12.93 0.30
C VAL C 66 2.34 -12.42 1.62
N ASN C 67 2.39 -11.10 1.79
CA ASN C 67 1.99 -10.44 3.02
C ASN C 67 2.65 -11.16 4.21
N GLY C 68 3.94 -11.47 4.05
CA GLY C 68 4.73 -12.07 5.10
C GLY C 68 4.54 -13.55 5.38
N VAL C 69 3.66 -14.21 4.64
CA VAL C 69 3.52 -15.66 4.75
C VAL C 69 4.52 -16.31 3.81
N ASP C 70 5.51 -17.01 4.38
CA ASP C 70 6.59 -17.59 3.59
C ASP C 70 6.09 -18.70 2.66
N LEU C 71 6.41 -18.57 1.38
CA LEU C 71 5.99 -19.54 0.35
C LEU C 71 7.14 -20.33 -0.33
N ARG C 72 8.34 -20.26 0.23
CA ARG C 72 9.51 -20.94 -0.35
C ARG C 72 9.27 -22.43 -0.52
N ASN C 73 8.42 -23.00 0.33
CA ASN C 73 8.14 -24.45 0.35
C ASN C 73 6.65 -24.78 0.21
N ALA C 74 5.87 -23.83 -0.30
CA ALA C 74 4.43 -24.04 -0.41
C ALA C 74 4.10 -24.90 -1.62
N SER C 75 2.98 -25.61 -1.57
CA SER C 75 2.46 -26.28 -2.75
C SER C 75 1.78 -25.29 -3.68
N HIS C 76 1.50 -25.72 -4.90
CA HIS C 76 0.82 -24.91 -5.90
C HIS C 76 -0.55 -24.46 -5.38
N GLU C 77 -1.31 -25.40 -4.86
CA GLU C 77 -2.65 -25.11 -4.36
C GLU C 77 -2.58 -24.11 -3.22
N GLN C 78 -1.59 -24.25 -2.34
CA GLN C 78 -1.46 -23.35 -1.22
C GLN C 78 -1.10 -21.92 -1.65
N ALA C 79 -0.15 -21.78 -2.56
CA ALA C 79 0.29 -20.47 -2.99
C ALA C 79 -0.84 -19.69 -3.64
N ALA C 80 -1.65 -20.38 -4.44
CA ALA C 80 -2.76 -19.74 -5.12
C ALA C 80 -3.73 -19.17 -4.09
N ILE C 81 -4.03 -19.97 -3.07
CA ILE C 81 -4.96 -19.55 -2.01
C ILE C 81 -4.42 -18.34 -1.23
N ALA C 82 -3.13 -18.35 -0.92
CA ALA C 82 -2.53 -17.24 -0.19
C ALA C 82 -2.69 -15.96 -0.98
N LEU C 83 -2.47 -16.04 -2.28
CA LEU C 83 -2.53 -14.88 -3.14
C LEU C 83 -3.97 -14.38 -3.29
N LYS C 84 -4.92 -15.30 -3.40
CA LYS C 84 -6.33 -14.96 -3.60
C LYS C 84 -6.90 -14.28 -2.35
N ASN C 85 -6.29 -14.55 -1.20
CA ASN C 85 -6.73 -14.01 0.08
C ASN C 85 -5.89 -12.85 0.60
N ALA C 86 -5.01 -12.32 -0.24
CA ALA C 86 -4.06 -11.32 0.24
C ALA C 86 -4.65 -9.89 0.34
N GLY C 87 -5.92 -9.71 0.02
CA GLY C 87 -6.52 -8.39 0.17
C GLY C 87 -6.16 -7.42 -0.94
N GLN C 88 -6.42 -6.14 -0.69
CA GLN C 88 -6.29 -5.14 -1.74
C GLN C 88 -4.86 -4.68 -1.98
N THR C 89 -4.07 -4.69 -0.92
CA THR C 89 -2.70 -4.22 -1.00
C THR C 89 -1.76 -5.39 -0.71
N VAL C 90 -1.08 -5.88 -1.75
CA VAL C 90 -0.36 -7.15 -1.68
C VAL C 90 1.14 -6.96 -1.72
N THR C 91 1.80 -7.33 -0.64
CA THR C 91 3.23 -7.19 -0.57
C THR C 91 3.86 -8.55 -0.92
N ILE C 92 4.59 -8.58 -2.01
CA ILE C 92 5.25 -9.78 -2.48
C ILE C 92 6.71 -9.60 -2.31
N ILE C 93 7.34 -10.65 -1.83
CA ILE C 93 8.76 -10.76 -1.87
C ILE C 93 9.03 -11.76 -2.95
N ALA C 94 9.80 -11.32 -3.94
CA ALA C 94 10.09 -12.13 -5.12
C ALA C 94 11.58 -12.13 -5.40
N GLN C 95 12.08 -13.21 -6.02
CA GLN C 95 13.49 -13.27 -6.44
C GLN C 95 13.56 -13.73 -7.89
N TYR C 96 14.24 -12.92 -8.72
CA TYR C 96 14.29 -13.13 -10.15
C TYR C 96 15.26 -14.24 -10.53
N LYS C 97 14.70 -15.38 -10.95
CA LYS C 97 15.51 -16.54 -11.33
C LYS C 97 15.08 -17.12 -12.70
N PRO C 98 15.24 -16.35 -13.78
CA PRO C 98 14.80 -16.83 -15.11
C PRO C 98 15.53 -18.14 -15.54
N GLU C 99 16.81 -18.28 -15.19
CA GLU C 99 17.58 -19.45 -15.63
C GLU C 99 17.08 -20.72 -14.98
N GLU C 100 16.73 -20.66 -13.70
CA GLU C 100 16.17 -21.83 -12.98
C GLU C 100 14.79 -22.16 -13.53
N TYR C 101 13.98 -21.13 -13.75
CA TYR C 101 12.69 -21.36 -14.40
C TYR C 101 12.88 -22.10 -15.73
N SER C 102 13.77 -21.60 -16.57
CA SER C 102 14.06 -22.25 -17.83
C SER C 102 14.45 -23.70 -17.64
N ARG C 103 15.27 -23.99 -16.63
CA ARG C 103 15.75 -25.34 -16.40
C ARG C 103 14.60 -26.31 -16.07
N PHE C 104 13.68 -25.87 -15.22
CA PHE C 104 12.49 -26.66 -14.88
C PHE C 104 11.61 -26.81 -16.13
N GLU C 105 11.46 -25.73 -16.87
CA GLU C 105 10.69 -25.79 -18.11
C GLU C 105 11.25 -26.85 -19.08
N ALA C 106 12.57 -26.81 -19.33
CA ALA C 106 13.23 -27.80 -20.19
C ALA C 106 13.04 -29.25 -19.70
N ASN C 107 13.16 -29.48 -18.40
CA ASN C 107 12.94 -30.82 -17.84
C ASN C 107 11.51 -31.34 -18.09
N SER C 108 10.54 -30.44 -17.95
CA SER C 108 9.13 -30.79 -18.13
C SER C 108 8.82 -31.26 -19.55
N ARG C 109 9.62 -30.82 -20.51
CA ARG C 109 9.47 -31.18 -21.92
C ARG C 109 9.83 -32.65 -22.18
N VAL C 110 10.53 -33.25 -21.21
CA VAL C 110 10.76 -34.71 -21.11
C VAL C 110 12.25 -35.04 -21.16
N ILE D 11 -1.81 -6.82 21.04
CA ILE D 11 -2.83 -7.45 20.21
C ILE D 11 -4.16 -6.71 20.34
N PRO D 12 -4.87 -6.48 19.22
CA PRO D 12 -6.13 -5.74 19.36
C PRO D 12 -7.18 -6.48 20.17
N ARG D 13 -7.83 -5.78 21.09
CA ARG D 13 -8.87 -6.37 21.92
C ARG D 13 -10.23 -6.03 21.33
N GLU D 14 -10.25 -5.05 20.42
CA GLU D 14 -11.47 -4.73 19.71
C GLU D 14 -11.73 -5.81 18.65
N PRO D 15 -13.01 -6.00 18.26
CA PRO D 15 -13.39 -6.92 17.18
C PRO D 15 -12.74 -6.62 15.83
N ARG D 16 -12.53 -7.66 15.01
CA ARG D 16 -11.86 -7.50 13.73
C ARG D 16 -12.62 -8.26 12.66
N ARG D 17 -12.64 -7.71 11.44
CA ARG D 17 -13.24 -8.38 10.31
C ARG D 17 -12.15 -9.07 9.49
N ILE D 18 -12.26 -10.38 9.37
CA ILE D 18 -11.28 -11.19 8.66
C ILE D 18 -11.97 -12.02 7.59
N VAL D 19 -11.50 -11.86 6.35
CA VAL D 19 -12.07 -12.57 5.22
C VAL D 19 -11.20 -13.74 4.80
N ILE D 20 -11.80 -14.93 4.78
CA ILE D 20 -11.12 -16.13 4.29
C ILE D 20 -11.89 -16.70 3.10
N HIS D 21 -11.15 -17.08 2.06
CA HIS D 21 -11.73 -17.73 0.90
C HIS D 21 -11.35 -19.20 0.98
N ARG D 22 -12.33 -20.09 1.11
CA ARG D 22 -12.04 -21.44 1.58
C ARG D 22 -11.19 -22.19 0.55
N GLY D 23 -10.12 -22.81 1.05
CA GLY D 23 -9.19 -23.58 0.25
C GLY D 23 -8.97 -24.93 0.89
N SER D 24 -8.82 -25.96 0.06
CA SER D 24 -8.75 -27.34 0.54
C SER D 24 -10.09 -27.80 1.12
N THR D 25 -11.12 -26.97 0.95
CA THR D 25 -12.48 -27.27 1.39
C THR D 25 -12.67 -27.14 2.91
N GLY D 26 -11.65 -26.66 3.63
CA GLY D 26 -11.83 -26.28 5.03
C GLY D 26 -11.18 -24.94 5.28
N LEU D 27 -11.48 -24.32 6.42
CA LEU D 27 -10.87 -23.05 6.79
C LEU D 27 -9.48 -23.18 7.43
N GLY D 28 -9.21 -24.34 8.01
CA GLY D 28 -7.89 -24.62 8.56
C GLY D 28 -7.70 -24.13 10.00
N PHE D 29 -8.74 -24.25 10.81
CA PHE D 29 -8.59 -24.02 12.23
C PHE D 29 -9.66 -24.82 12.97
N ASN D 30 -9.45 -24.99 14.28
CA ASN D 30 -10.37 -25.73 15.12
C ASN D 30 -11.13 -24.79 16.00
N ILE D 31 -12.34 -25.19 16.36
CA ILE D 31 -13.10 -24.43 17.32
C ILE D 31 -13.42 -25.31 18.50
N VAL D 32 -13.43 -24.68 19.66
CA VAL D 32 -13.91 -25.31 20.88
C VAL D 32 -15.03 -24.44 21.36
N GLY D 33 -15.73 -24.90 22.40
CA GLY D 33 -16.77 -24.11 23.03
C GLY D 33 -18.13 -24.47 22.47
N GLY D 34 -19.10 -23.58 22.66
CA GLY D 34 -20.45 -23.80 22.19
C GLY D 34 -21.18 -24.81 23.05
N GLU D 35 -20.80 -24.85 24.32
CA GLU D 35 -21.42 -25.73 25.31
C GLU D 35 -21.68 -24.98 26.61
N ASP D 36 -22.80 -25.26 27.25
CA ASP D 36 -23.08 -24.71 28.58
C ASP D 36 -22.92 -23.19 28.66
N GLY D 37 -23.44 -22.50 27.66
CA GLY D 37 -23.40 -21.04 27.62
C GLY D 37 -22.04 -20.45 27.32
N GLU D 38 -21.03 -21.29 27.13
CA GLU D 38 -19.73 -20.83 26.66
C GLU D 38 -19.82 -20.51 25.18
N GLY D 39 -19.07 -19.51 24.72
CA GLY D 39 -19.06 -19.11 23.32
C GLY D 39 -18.18 -19.99 22.44
N ILE D 40 -17.96 -19.58 21.18
CA ILE D 40 -17.15 -20.37 20.24
C ILE D 40 -15.77 -19.71 20.03
N PHE D 41 -14.71 -20.46 20.33
CA PHE D 41 -13.33 -19.99 20.29
C PHE D 41 -12.45 -20.76 19.30
N ILE D 42 -11.44 -20.10 18.74
CA ILE D 42 -10.42 -20.79 17.93
C ILE D 42 -9.37 -21.42 18.84
N SER D 43 -9.23 -22.75 18.77
CA SER D 43 -8.30 -23.46 19.65
C SER D 43 -7.00 -23.88 18.99
N PHE D 44 -6.99 -24.00 17.67
CA PHE D 44 -5.81 -24.53 17.02
C PHE D 44 -5.90 -24.15 15.57
N ILE D 45 -4.78 -23.77 14.97
CA ILE D 45 -4.73 -23.38 13.57
C ILE D 45 -3.88 -24.37 12.76
N LEU D 46 -4.50 -25.07 11.82
CA LEU D 46 -3.76 -26.00 11.00
C LEU D 46 -2.76 -25.20 10.18
N ALA D 47 -1.48 -25.42 10.47
CA ALA D 47 -0.39 -24.75 9.76
C ALA D 47 -0.44 -25.06 8.27
N GLY D 48 -0.30 -24.02 7.45
CA GLY D 48 -0.33 -24.18 6.00
C GLY D 48 -1.73 -24.09 5.43
N GLY D 49 -2.73 -24.05 6.30
CA GLY D 49 -4.11 -23.98 5.87
C GLY D 49 -4.49 -22.56 5.51
N PRO D 50 -5.71 -22.36 5.00
CA PRO D 50 -6.20 -21.02 4.63
C PRO D 50 -6.06 -20.01 5.76
N ALA D 51 -6.55 -20.35 6.95
CA ALA D 51 -6.44 -19.48 8.12
C ALA D 51 -5.00 -19.08 8.38
N ASP D 52 -4.12 -20.07 8.41
CA ASP D 52 -2.70 -19.83 8.66
C ASP D 52 -2.08 -19.01 7.52
N LEU D 53 -2.50 -19.29 6.29
CA LEU D 53 -1.95 -18.61 5.12
C LEU D 53 -2.45 -17.17 5.04
N SER D 54 -3.65 -16.92 5.56
CA SER D 54 -4.16 -15.55 5.68
C SER D 54 -3.37 -14.75 6.70
N GLY D 55 -3.10 -15.37 7.85
CA GLY D 55 -2.29 -14.76 8.89
C GLY D 55 -2.97 -13.78 9.83
N GLU D 56 -4.30 -13.77 9.87
CA GLU D 56 -5.03 -12.78 10.67
C GLU D 56 -5.67 -13.38 11.93
N LEU D 57 -6.21 -14.58 11.82
CA LEU D 57 -6.86 -15.23 12.98
C LEU D 57 -5.81 -15.83 13.90
N ARG D 58 -6.13 -15.90 15.19
CA ARG D 58 -5.19 -16.44 16.18
C ARG D 58 -5.90 -17.35 17.15
N LYS D 59 -5.18 -18.36 17.64
CA LYS D 59 -5.65 -19.12 18.80
C LYS D 59 -6.08 -18.17 19.92
N GLY D 60 -7.21 -18.48 20.54
CA GLY D 60 -7.77 -17.63 21.58
C GLY D 60 -8.81 -16.63 21.08
N ASP D 61 -8.90 -16.43 19.77
CA ASP D 61 -9.91 -15.56 19.20
C ASP D 61 -11.31 -16.14 19.44
N GLN D 62 -12.27 -15.30 19.85
CA GLN D 62 -13.66 -15.75 19.83
C GLN D 62 -14.31 -15.38 18.50
N ILE D 63 -15.14 -16.27 17.99
CA ILE D 63 -15.84 -16.03 16.74
C ILE D 63 -17.20 -15.43 17.07
N LEU D 64 -17.39 -14.16 16.70
CA LEU D 64 -18.56 -13.41 17.09
C LEU D 64 -19.69 -13.59 16.09
N SER D 65 -19.33 -13.62 14.80
CA SER D 65 -20.29 -13.88 13.75
C SER D 65 -19.58 -14.45 12.54
N VAL D 66 -20.35 -15.19 11.75
CA VAL D 66 -19.89 -15.69 10.47
C VAL D 66 -20.91 -15.29 9.42
N ASN D 67 -20.50 -14.45 8.47
CA ASN D 67 -21.39 -13.93 7.44
C ASN D 67 -22.72 -13.38 7.97
N GLY D 68 -22.66 -12.59 9.04
CA GLY D 68 -23.86 -11.97 9.56
C GLY D 68 -24.74 -12.91 10.37
N VAL D 69 -24.33 -14.17 10.46
CA VAL D 69 -24.99 -15.11 11.35
C VAL D 69 -24.32 -14.98 12.71
N ASP D 70 -25.03 -14.42 13.68
CA ASP D 70 -24.44 -14.18 14.99
C ASP D 70 -24.22 -15.52 15.69
N LEU D 71 -22.98 -15.77 16.10
CA LEU D 71 -22.62 -17.00 16.79
C LEU D 71 -22.31 -16.71 18.25
N ARG D 72 -22.67 -15.53 18.73
CA ARG D 72 -22.40 -15.12 20.10
C ARG D 72 -23.00 -16.06 21.16
N ASN D 73 -24.13 -16.68 20.86
CA ASN D 73 -24.81 -17.57 21.81
C ASN D 73 -25.12 -18.95 21.22
N ALA D 74 -24.43 -19.30 20.14
CA ALA D 74 -24.69 -20.53 19.39
C ALA D 74 -24.11 -21.79 20.06
N SER D 75 -24.70 -22.95 19.76
CA SER D 75 -24.11 -24.22 20.19
C SER D 75 -22.90 -24.55 19.35
N HIS D 76 -22.14 -25.53 19.81
CA HIS D 76 -20.97 -26.01 19.11
C HIS D 76 -21.36 -26.52 17.72
N GLU D 77 -22.42 -27.33 17.67
CA GLU D 77 -22.86 -27.93 16.42
C GLU D 77 -23.31 -26.90 15.37
N GLN D 78 -24.09 -25.90 15.76
CA GLN D 78 -24.49 -24.90 14.76
C GLN D 78 -23.29 -24.09 14.36
N ALA D 79 -22.39 -23.80 15.30
CA ALA D 79 -21.23 -22.99 14.96
C ALA D 79 -20.44 -23.72 13.89
N ALA D 80 -20.30 -25.03 14.04
CA ALA D 80 -19.63 -25.84 13.04
C ALA D 80 -20.45 -25.85 11.74
N ILE D 81 -21.77 -26.03 11.85
CA ILE D 81 -22.63 -26.00 10.67
C ILE D 81 -22.60 -24.60 10.08
N ALA D 82 -22.67 -23.60 10.95
CA ALA D 82 -22.65 -22.21 10.52
C ALA D 82 -21.37 -21.95 9.77
N LEU D 83 -20.25 -22.46 10.28
CA LEU D 83 -18.98 -22.27 9.61
C LEU D 83 -18.93 -23.14 8.37
N LYS D 84 -19.46 -24.35 8.49
CA LYS D 84 -19.41 -25.29 7.40
C LYS D 84 -20.34 -24.82 6.27
N ASN D 85 -21.39 -24.08 6.63
CA ASN D 85 -22.40 -23.65 5.67
C ASN D 85 -22.23 -22.18 5.27
N ALA D 86 -21.12 -21.56 5.65
CA ALA D 86 -20.93 -20.14 5.40
C ALA D 86 -20.47 -19.88 3.96
N GLY D 87 -20.29 -20.95 3.19
CA GLY D 87 -19.89 -20.84 1.80
C GLY D 87 -18.40 -20.64 1.58
N GLN D 88 -18.04 -20.29 0.35
CA GLN D 88 -16.64 -20.26 -0.09
C GLN D 88 -15.87 -19.01 0.31
N THR D 89 -16.59 -17.89 0.47
CA THR D 89 -15.96 -16.64 0.89
C THR D 89 -16.55 -16.32 2.24
N VAL D 90 -15.73 -16.52 3.27
CA VAL D 90 -16.20 -16.52 4.64
C VAL D 90 -15.69 -15.26 5.28
N THR D 91 -16.64 -14.44 5.68
CA THR D 91 -16.36 -13.21 6.37
C THR D 91 -16.62 -13.51 7.84
N ILE D 92 -15.57 -13.41 8.64
CA ILE D 92 -15.62 -13.69 10.06
C ILE D 92 -15.38 -12.41 10.83
N ILE D 93 -16.15 -12.22 11.91
CA ILE D 93 -15.84 -11.21 12.91
C ILE D 93 -15.32 -11.94 14.10
N ALA D 94 -14.09 -11.62 14.49
CA ALA D 94 -13.47 -12.28 15.64
C ALA D 94 -12.92 -11.23 16.58
N GLN D 95 -12.99 -11.53 17.88
CA GLN D 95 -12.47 -10.65 18.91
C GLN D 95 -11.60 -11.45 19.88
N TYR D 96 -10.40 -10.96 20.11
CA TYR D 96 -9.43 -11.66 20.93
C TYR D 96 -9.80 -11.50 22.41
N LYS D 97 -10.22 -12.60 23.02
CA LYS D 97 -10.66 -12.62 24.40
C LYS D 97 -9.93 -13.72 25.20
N PRO D 98 -8.61 -13.54 25.44
CA PRO D 98 -7.75 -14.53 26.12
C PRO D 98 -8.19 -14.93 27.52
N GLU D 99 -8.71 -13.98 28.29
CA GLU D 99 -9.04 -14.25 29.69
C GLU D 99 -10.13 -15.30 29.82
N GLU D 100 -11.14 -15.23 28.97
CA GLU D 100 -12.23 -16.20 29.00
C GLU D 100 -11.74 -17.57 28.53
N TYR D 101 -10.97 -17.56 27.44
CA TYR D 101 -10.35 -18.75 26.87
C TYR D 101 -9.43 -19.40 27.90
N SER D 102 -8.52 -18.61 28.48
CA SER D 102 -7.61 -19.13 29.49
C SER D 102 -8.39 -19.74 30.64
N ARG D 103 -9.49 -19.08 31.01
CA ARG D 103 -10.32 -19.53 32.14
C ARG D 103 -10.88 -20.93 31.87
N PHE D 104 -11.37 -21.14 30.65
CA PHE D 104 -11.86 -22.45 30.23
C PHE D 104 -10.72 -23.45 30.04
N GLU D 105 -9.64 -23.04 29.37
CA GLU D 105 -8.46 -23.89 29.21
C GLU D 105 -8.05 -24.46 30.57
N ALA D 106 -7.89 -23.57 31.53
CA ALA D 106 -7.54 -23.93 32.91
C ALA D 106 -8.58 -24.84 33.55
N ASN D 107 -9.84 -24.51 33.33
CA ASN D 107 -10.94 -25.29 33.88
C ASN D 107 -10.89 -26.73 33.38
N SER D 108 -10.59 -26.90 32.10
CA SER D 108 -10.51 -28.22 31.49
C SER D 108 -9.38 -29.06 32.07
N ARG D 109 -8.32 -28.40 32.56
CA ARG D 109 -7.15 -29.10 33.10
C ARG D 109 -7.43 -29.79 34.43
N VAL D 110 -8.52 -29.37 35.09
CA VAL D 110 -9.02 -30.06 36.27
C VAL D 110 -10.20 -29.29 36.87
C01 56J E 1 -19.30 15.62 -9.67
C02 56J E 1 -18.29 16.02 -10.52
C03 56J E 1 -17.97 15.25 -11.64
C04 56J E 1 -18.64 14.06 -11.96
C05 56J E 1 -19.69 13.68 -11.09
C06 56J E 1 -20.00 14.44 -9.97
C07 56J E 1 -20.30 12.36 -11.59
C08 56J E 1 -19.48 12.05 -12.86
C09 56J E 1 -19.59 10.98 -13.77
C10 56J E 1 -18.73 10.89 -14.89
C11 56J E 1 -17.78 11.88 -15.08
C12 56J E 1 -17.68 12.95 -14.17
C13 56J E 1 -18.51 13.07 -13.06
C14 56J E 1 -20.18 11.26 -10.52
C16 56J E 1 -20.86 8.96 -9.73
O17 56J E 1 -20.68 9.36 -8.59
C29 56J E 1 -20.68 9.87 -10.94
H011 56J E 1 -19.56 16.24 -8.80
H021 56J E 1 -17.75 16.94 -10.28
H031 56J E 1 -17.15 15.63 -12.25
H061 56J E 1 -20.79 14.19 -9.25
H071 56J E 1 -21.36 12.52 -11.89
H091 56J E 1 -20.31 10.16 -13.69
H101 56J E 1 -18.79 10.06 -15.60
H111 56J E 1 -17.11 11.80 -15.95
H121 56J E 1 -16.92 13.68 -14.40
H142 56J E 1 -19.13 11.20 -10.19
H143 56J E 1 -20.76 11.60 -9.65
H292 56J E 1 -19.94 9.37 -11.59
H33 56J E 1 -21.60 9.95 -11.53
N LYS E 2 -21.17 7.59 -9.92
CA LYS E 2 -21.37 6.74 -8.77
C LYS E 2 -20.10 6.70 -7.92
N LYS E 3 -18.93 6.64 -8.57
CA LYS E 3 -17.68 6.31 -7.88
C LYS E 3 -16.73 7.49 -7.65
N GLU E 4 -16.19 7.62 -6.46
CA GLU E 4 -15.06 8.52 -6.28
C GLU E 4 -13.94 7.76 -5.54
N THR E 5 -12.72 7.86 -6.06
CA THR E 5 -11.60 7.14 -5.48
C THR E 5 -10.47 8.07 -5.10
N GLU E 6 -9.98 7.92 -3.87
CA GLU E 6 -8.74 8.57 -3.44
C GLU E 6 -7.51 7.83 -3.97
N VAL E 7 -6.54 8.58 -4.49
CA VAL E 7 -5.30 8.04 -5.05
C VAL E 7 -4.13 8.92 -4.63
C01 56J F 1 19.93 15.55 15.26
C02 56J F 1 19.89 16.88 14.88
C03 56J F 1 18.68 17.60 14.94
C04 56J F 1 17.48 17.03 15.36
C05 56J F 1 17.54 15.69 15.79
C06 56J F 1 18.73 14.96 15.71
C07 56J F 1 16.14 15.23 16.19
C08 56J F 1 15.27 16.49 16.02
C09 56J F 1 13.91 16.71 16.26
C10 56J F 1 13.33 17.97 16.03
C11 56J F 1 14.11 19.00 15.53
C12 56J F 1 15.48 18.77 15.28
C13 56J F 1 16.10 17.54 15.52
C14 56J F 1 15.66 14.07 15.31
C16 56J F 1 14.26 11.96 15.29
O17 56J F 1 15.23 11.35 14.88
C29 56J F 1 14.32 13.43 15.68
H011 56J F 1 20.87 15.00 15.22
H021 56J F 1 20.82 17.34 14.53
H031 56J F 1 18.75 18.63 14.60
H061 56J F 1 18.83 13.91 16.01
H071 56J F 1 16.11 14.93 17.27
H091 56J F 1 13.22 15.96 16.64
H101 56J F 1 12.25 18.16 16.20
H111 56J F 1 13.65 19.97 15.34
H121 56J F 1 16.03 19.63 14.92
H142 56J F 1 15.65 14.40 14.26
H143 56J F 1 16.45 13.28 15.36
H292 56J F 1 13.49 13.93 15.13
H33 56J F 1 14.10 13.58 16.74
N LYS F 2 13.00 11.30 15.26
CA LYS F 2 12.91 9.96 14.69
C LYS F 2 13.27 9.97 13.20
N LYS F 3 12.62 10.85 12.45
CA LYS F 3 12.66 10.80 10.99
C LYS F 3 13.70 11.75 10.37
N GLU F 4 14.31 11.28 9.30
CA GLU F 4 15.19 12.08 8.47
C GLU F 4 14.92 11.70 7.00
N THR F 5 14.70 12.69 6.16
CA THR F 5 14.30 12.45 4.77
C THR F 5 15.24 13.16 3.84
N GLU F 6 15.69 12.48 2.80
CA GLU F 6 16.44 13.13 1.75
C GLU F 6 15.46 13.85 0.84
N VAL F 7 15.76 15.10 0.50
CA VAL F 7 15.00 15.86 -0.51
C VAL F 7 15.94 16.44 -1.55
C01 56J G 1 8.00 -23.93 -17.03
C02 56J G 1 8.65 -23.18 -16.05
C03 56J G 1 8.72 -23.65 -14.73
C04 56J G 1 8.18 -24.89 -14.35
C05 56J G 1 7.57 -25.65 -15.36
C06 56J G 1 7.46 -25.17 -16.66
C07 56J G 1 7.02 -26.94 -14.75
C08 56J G 1 7.42 -26.83 -13.26
C09 56J G 1 7.26 -27.73 -12.19
C10 56J G 1 7.73 -27.43 -10.90
C11 56J G 1 8.41 -26.24 -10.70
C12 56J G 1 8.60 -25.35 -11.77
C13 56J G 1 8.13 -25.62 -13.06
C14 56J G 1 5.51 -27.04 -14.98
C16 56J G 1 3.32 -28.24 -14.56
O17 56J G 1 2.73 -27.48 -15.28
C29 56J G 1 4.72 -27.92 -14.00
H011 56J G 1 7.96 -23.55 -18.06
H021 56J G 1 9.08 -22.21 -16.34
H031 56J G 1 9.24 -23.00 -14.04
H061 56J G 1 6.98 -25.70 -17.48
H071 56J G 1 7.55 -27.83 -15.19
H091 56J G 1 6.74 -28.69 -12.26
H101 56J G 1 7.60 -28.11 -10.05
H111 56J G 1 8.78 -26.00 -9.69
H121 56J G 1 9.13 -24.43 -11.54
H142 56J G 1 5.09 -26.02 -14.99
H143 56J G 1 5.36 -27.43 -16.00
H292 56J G 1 4.55 -27.39 -13.05
H33 56J G 1 5.28 -28.83 -13.75
N LYS G 2 2.83 -29.57 -14.41
CA LYS G 2 1.40 -29.85 -14.42
C LYS G 2 0.48 -28.61 -14.36
N LYS G 3 0.56 -27.86 -13.27
CA LYS G 3 -0.44 -26.84 -12.98
C LYS G 3 0.02 -25.41 -13.23
N GLU G 4 -0.80 -24.67 -13.96
CA GLU G 4 -0.64 -23.23 -14.12
C GLU G 4 -1.95 -22.55 -13.70
N THR G 5 -1.86 -21.62 -12.76
CA THR G 5 -3.04 -21.00 -12.15
C THR G 5 -3.03 -19.48 -12.29
N GLU G 6 -4.19 -18.92 -12.64
CA GLU G 6 -4.34 -17.49 -12.84
C GLU G 6 -4.69 -16.80 -11.52
N VAL G 7 -3.99 -15.73 -11.20
CA VAL G 7 -4.21 -15.04 -9.92
C VAL G 7 -4.24 -13.54 -10.10
C01 56J H 1 -8.37 -25.03 25.46
C02 56J H 1 -8.75 -23.76 25.03
C03 56J H 1 -10.08 -23.32 25.20
C04 56J H 1 -11.06 -24.11 25.81
C05 56J H 1 -10.66 -25.40 26.23
C06 56J H 1 -9.35 -25.83 26.07
C07 56J H 1 -11.86 -26.11 26.87
C08 56J H 1 -13.01 -25.08 26.74
C09 56J H 1 -14.33 -25.15 27.14
C10 56J H 1 -15.23 -24.08 26.92
C11 56J H 1 -14.76 -22.95 26.29
C12 56J H 1 -13.40 -22.87 25.90
C13 56J H 1 -12.50 -23.91 26.10
C14 56J H 1 -12.18 -27.43 26.16
C16 56J H 1 -13.82 -29.35 25.81
O17 56J H 1 -12.94 -30.01 25.31
C29 56J H 1 -13.64 -27.91 26.27
H011 56J H 1 -7.34 -25.36 25.32
H021 56J H 1 -7.98 -23.13 24.55
H031 56J H 1 -10.28 -22.33 24.83
H061 56J H 1 -8.98 -26.81 26.39
H071 56J H 1 -11.67 -26.29 27.95
H091 56J H 1 -14.80 -26.01 27.63
H101 56J H 1 -16.29 -24.13 27.22
H111 56J H 1 -15.44 -22.11 26.12
H121 56J H 1 -13.11 -21.94 25.43
H142 56J H 1 -11.89 -27.36 25.09
H143 56J H 1 -11.52 -28.21 26.59
H292 56J H 1 -14.30 -27.28 25.63
H33 56J H 1 -14.01 -27.76 27.30
N LYS H 2 -15.13 -29.90 25.88
CA LYS H 2 -15.35 -31.29 25.53
C LYS H 2 -15.17 -31.44 24.03
N LYS H 3 -15.98 -30.71 23.26
CA LYS H 3 -15.93 -30.83 21.82
C LYS H 3 -14.88 -29.90 21.22
N GLU H 4 -14.11 -30.45 20.31
CA GLU H 4 -13.26 -29.67 19.41
C GLU H 4 -13.53 -30.13 17.98
N THR H 5 -13.80 -29.19 17.09
CA THR H 5 -14.22 -29.52 15.72
C THR H 5 -13.38 -28.78 14.70
N GLU H 6 -12.75 -29.52 13.79
CA GLU H 6 -11.99 -28.92 12.71
C GLU H 6 -12.95 -28.32 11.69
N VAL H 7 -12.69 -27.08 11.27
CA VAL H 7 -13.58 -26.36 10.37
C VAL H 7 -12.82 -25.67 9.24
C01 56J I 1 -5.57 -2.72 -23.17
C02 56J I 1 -5.73 -3.56 -22.07
C03 56J I 1 -5.75 -3.02 -20.77
C04 56J I 1 -5.58 -1.66 -20.52
C05 56J I 1 -5.40 -0.82 -21.64
C06 56J I 1 -5.39 -1.34 -22.93
C07 56J I 1 -5.26 0.64 -21.16
C08 56J I 1 -5.38 0.53 -19.62
C09 56J I 1 -5.30 1.50 -18.62
C10 56J I 1 -5.41 1.16 -17.25
C11 56J I 1 -5.62 -0.16 -16.91
C12 56J I 1 -5.69 -1.15 -17.92
C13 56J I 1 -5.57 -0.84 -19.27
C14 56J I 1 -3.91 1.25 -21.60
C16 56J I 1 -1.36 1.15 -21.61
O17 56J I 1 -1.35 2.24 -22.14
C29 56J I 1 -2.66 0.38 -21.33
H011 56J I 1 -5.55 -3.14 -24.18
H021 56J I 1 -5.87 -4.63 -22.27
H031 56J I 1 -5.89 -3.75 -19.98
H061 56J I 1 -5.27 -0.74 -23.84
H071 56J I 1 -6.10 1.26 -21.53
H091 56J I 1 -5.15 2.56 -18.80
H101 56J I 1 -5.38 1.93 -16.46
H111 56J I 1 -5.72 -0.42 -15.86
H121 56J I 1 -5.83 -2.15 -17.56
H142 56J I 1 -3.97 1.49 -22.68
H143 56J I 1 -3.79 2.21 -21.08
H292 56J I 1 -2.64 -0.50 -21.99
H33 56J I 1 -2.68 -0.02 -20.31
N LYS I 2 -0.13 0.49 -21.38
CA LYS I 2 1.14 1.11 -21.77
C LYS I 2 1.31 1.20 -23.28
#